data_1LEC
#
_entry.id   1LEC
#
_cell.length_a   78.900
_cell.length_b   78.900
_cell.length_c   89.100
_cell.angle_alpha   90.00
_cell.angle_beta   90.00
_cell.angle_gamma   90.00
#
_symmetry.space_group_name_H-M   'P 42 21 2'
#
loop_
_entity.id
_entity.type
_entity.pdbx_description
1 polymer 'WEST-CENTRAL AFRICAN LEGUME LECTIN IV'
2 branched alpha-L-fucopyranose-(1-3)-[2-acetamido-2-deoxy-beta-D-glucopyranose-(1-4)]2-acetamido-2-deoxy-beta-D-glucopyranose
3 non-polymer 'MANGANESE (II) ION'
4 non-polymer 'CALCIUM ION'
5 non-polymer 'SULFATE ION'
6 water water
#
_entity_poly.entity_id   1
_entity_poly.type   'polypeptide(L)'
_entity_poly.pdbx_seq_one_letter_code
;(PCA)NTVNFTYPDFWSYSLKNGTEITFLGDATRIPGALQLTKTDANGNPVRSSAGQASYSEPVFLWDSTGKAASFYTSF
TFLLKNYGAPTADGLAFFLAPVDSSVKDYGGFLGLFRHETAADPSKNQVVAVEFDTWINKDWNDPPYPHIGIDVNSIVSV
ATTRWENDDAYGSSIATAHITYDARSKILTVLLSYEHGRDYILSHVVDLAKVLPQKVRIGFSAGVGYDEVTYILSWHFFS
TLDGTNK
;
_entity_poly.pdbx_strand_id   A
#
loop_
_chem_comp.id
_chem_comp.type
_chem_comp.name
_chem_comp.formula
CA non-polymer 'CALCIUM ION' 'Ca 2'
FUC L-saccharide, alpha linking alpha-L-fucopyranose 'C6 H12 O5'
MN non-polymer 'MANGANESE (II) ION' 'Mn 2'
NAG D-saccharide, beta linking 2-acetamido-2-deoxy-beta-D-glucopyranose 'C8 H15 N O6'
SO4 non-polymer 'SULFATE ION' 'O4 S -2'
#
# COMPACT_ATOMS: atom_id res chain seq x y z
N PCA A 1 -7.06 23.71 6.10
CA PCA A 1 -8.15 22.84 5.64
CB PCA A 1 -8.18 22.98 4.11
CG PCA A 1 -6.71 23.24 3.86
CD PCA A 1 -6.18 23.98 5.10
OE PCA A 1 -5.14 24.65 5.06
C PCA A 1 -8.04 21.37 6.07
O PCA A 1 -6.97 20.86 6.47
N ASN A 2 -9.14 20.63 6.02
CA ASN A 2 -9.10 19.23 6.43
C ASN A 2 -8.80 18.24 5.29
N THR A 3 -8.71 18.73 4.07
CA THR A 3 -8.46 17.85 2.95
C THR A 3 -7.08 17.89 2.31
N VAL A 4 -6.71 16.85 1.57
CA VAL A 4 -5.41 16.75 0.89
C VAL A 4 -5.57 16.56 -0.64
N ASN A 5 -4.63 17.11 -1.38
CA ASN A 5 -4.65 16.95 -2.81
C ASN A 5 -3.24 17.07 -3.37
N PHE A 6 -2.60 15.99 -3.79
CA PHE A 6 -1.27 16.10 -4.36
C PHE A 6 -1.17 15.17 -5.53
N THR A 7 -0.25 15.56 -6.40
CA THR A 7 0.02 14.80 -7.61
C THR A 7 1.48 14.85 -7.99
N TYR A 8 2.08 13.67 -8.03
CA TYR A 8 3.46 13.48 -8.48
C TYR A 8 3.33 12.65 -9.76
N PRO A 9 3.44 13.24 -10.96
CA PRO A 9 3.29 12.55 -12.26
C PRO A 9 4.38 11.53 -12.57
N ASP A 10 5.51 11.73 -11.92
CA ASP A 10 6.72 10.90 -11.97
C ASP A 10 7.59 11.28 -10.76
N PHE A 11 8.68 10.58 -10.47
CA PHE A 11 9.55 11.00 -9.38
C PHE A 11 10.99 11.32 -9.88
N TRP A 12 11.09 11.98 -11.06
CA TRP A 12 12.39 12.35 -11.61
C TRP A 12 13.14 13.45 -10.81
N SER A 13 12.42 14.13 -9.89
CA SER A 13 12.95 15.14 -8.93
C SER A 13 13.20 14.44 -7.59
N TYR A 14 14.22 13.65 -7.75
CA TYR A 14 14.68 12.82 -6.67
C TYR A 14 15.51 13.61 -5.63
N SER A 15 15.45 14.94 -5.71
CA SER A 15 16.27 15.69 -4.78
C SER A 15 15.69 16.20 -3.47
N LEU A 16 14.38 16.05 -3.21
CA LEU A 16 13.88 16.52 -1.92
C LEU A 16 14.34 15.74 -0.67
N LYS A 17 14.59 16.49 0.40
CA LYS A 17 15.01 15.98 1.71
C LYS A 17 14.11 14.92 2.36
N ASN A 18 14.62 13.77 2.82
CA ASN A 18 13.73 12.84 3.51
C ASN A 18 12.94 13.53 4.68
N GLY A 19 11.63 13.26 4.63
CA GLY A 19 10.69 13.78 5.61
C GLY A 19 10.04 15.10 5.24
N THR A 20 10.38 15.74 4.13
CA THR A 20 9.69 17.00 3.85
C THR A 20 8.37 16.71 3.13
N GLU A 21 8.43 15.97 2.01
CA GLU A 21 7.20 15.59 1.31
C GLU A 21 6.82 14.13 1.54
N ILE A 22 7.80 13.28 1.38
CA ILE A 22 7.69 11.87 1.58
C ILE A 22 8.78 11.43 2.58
N THR A 23 8.36 10.56 3.48
CA THR A 23 9.24 9.99 4.48
C THR A 23 9.56 8.55 4.11
N PHE A 24 10.85 8.20 4.10
CA PHE A 24 11.31 6.86 3.79
C PHE A 24 11.72 6.18 5.09
N LEU A 25 11.19 5.01 5.36
CA LEU A 25 11.45 4.22 6.53
C LEU A 25 12.02 2.88 6.13
N GLY A 26 12.87 2.35 7.01
CA GLY A 26 13.51 1.06 6.78
C GLY A 26 14.47 1.06 5.61
N ASP A 27 14.26 0.09 4.70
CA ASP A 27 15.08 0.01 3.50
C ASP A 27 14.50 0.71 2.22
N ALA A 28 13.46 1.53 2.38
CA ALA A 28 12.87 2.26 1.29
C ALA A 28 13.76 3.47 1.05
N THR A 29 14.08 3.67 -0.22
CA THR A 29 14.92 4.78 -0.64
C THR A 29 14.37 5.58 -1.81
N ARG A 30 14.77 6.82 -1.90
CA ARG A 30 14.37 7.61 -3.05
C ARG A 30 15.43 7.44 -4.17
N ILE A 31 15.07 7.02 -5.35
CA ILE A 31 16.06 6.92 -6.41
C ILE A 31 15.62 7.89 -7.54
N PRO A 32 16.41 8.23 -8.58
CA PRO A 32 15.94 9.06 -9.71
C PRO A 32 14.78 8.35 -10.38
N GLY A 33 13.65 8.98 -10.27
CA GLY A 33 12.48 8.40 -10.91
C GLY A 33 11.60 7.46 -10.13
N ALA A 34 11.89 7.13 -8.90
CA ALA A 34 11.04 6.19 -8.20
C ALA A 34 11.23 6.19 -6.72
N LEU A 35 10.22 5.66 -6.05
CA LEU A 35 10.35 5.47 -4.62
C LEU A 35 10.66 3.97 -4.65
N GLN A 36 11.86 3.51 -4.20
CA GLN A 36 12.23 2.08 -4.20
C GLN A 36 11.86 1.52 -2.82
N LEU A 37 11.00 0.52 -2.64
CA LEU A 37 10.60 0.11 -1.28
C LEU A 37 11.46 -0.83 -0.42
N THR A 38 12.18 -1.75 -1.05
CA THR A 38 13.08 -2.64 -0.37
C THR A 38 14.44 -2.49 -1.02
N LYS A 39 15.37 -3.18 -0.38
CA LYS A 39 16.78 -3.16 -0.77
C LYS A 39 17.28 -3.90 -1.98
N THR A 40 18.23 -3.29 -2.66
CA THR A 40 18.88 -3.92 -3.82
C THR A 40 20.41 -3.74 -3.65
N ASP A 41 21.18 -4.64 -4.27
CA ASP A 41 22.63 -4.55 -4.26
C ASP A 41 23.08 -3.51 -5.30
N ALA A 42 24.37 -3.28 -5.59
CA ALA A 42 24.85 -2.29 -6.57
C ALA A 42 24.28 -2.23 -7.98
N ASN A 43 23.82 -3.39 -8.46
CA ASN A 43 23.23 -3.61 -9.79
C ASN A 43 21.66 -3.51 -9.88
N GLY A 44 20.98 -3.01 -8.84
CA GLY A 44 19.53 -2.92 -8.83
C GLY A 44 18.91 -4.29 -8.52
N ASN A 45 19.74 -5.30 -8.24
CA ASN A 45 19.22 -6.63 -7.94
C ASN A 45 18.78 -6.80 -6.51
N PRO A 46 17.56 -7.31 -6.30
CA PRO A 46 16.96 -7.43 -4.99
C PRO A 46 17.62 -8.34 -3.93
N VAL A 47 17.78 -7.73 -2.76
CA VAL A 47 18.35 -8.36 -1.56
C VAL A 47 17.22 -9.12 -0.81
N ARG A 48 17.41 -10.32 -0.26
CA ARG A 48 16.33 -11.00 0.47
C ARG A 48 16.05 -10.40 1.85
N SER A 49 14.95 -10.75 2.54
CA SER A 49 14.67 -10.23 3.90
C SER A 49 14.86 -8.76 4.21
N SER A 50 14.02 -8.01 3.53
CA SER A 50 14.03 -6.55 3.62
C SER A 50 12.62 -5.95 3.68
N ALA A 51 12.43 -4.81 4.35
CA ALA A 51 11.14 -4.11 4.49
C ALA A 51 11.34 -2.60 4.41
N GLY A 52 10.47 -1.89 3.75
CA GLY A 52 10.63 -0.46 3.65
C GLY A 52 9.28 0.17 3.44
N GLN A 53 9.20 1.43 3.81
CA GLN A 53 7.97 2.18 3.64
C GLN A 53 8.23 3.55 3.06
N ALA A 54 7.40 4.06 2.15
CA ALA A 54 7.55 5.42 1.64
C ALA A 54 6.18 6.02 1.98
N SER A 55 6.06 7.00 2.84
CA SER A 55 4.75 7.54 3.15
C SER A 55 4.66 9.05 3.08
N TYR A 56 3.49 9.61 2.85
CA TYR A 56 3.38 11.06 2.76
C TYR A 56 3.71 11.64 4.14
N SER A 57 4.49 12.72 4.19
CA SER A 57 4.86 13.34 5.45
C SER A 57 3.76 14.01 6.24
N GLU A 58 2.85 14.82 5.68
CA GLU A 58 1.78 15.44 6.45
C GLU A 58 0.80 14.39 6.99
N PRO A 59 0.27 14.51 8.21
CA PRO A 59 -0.89 13.72 8.61
C PRO A 59 -2.12 13.91 7.69
N VAL A 60 -2.87 12.86 7.43
CA VAL A 60 -4.08 12.94 6.63
C VAL A 60 -5.35 12.81 7.48
N PHE A 61 -6.17 13.85 7.52
CA PHE A 61 -7.43 13.81 8.25
C PHE A 61 -8.41 12.79 7.68
N LEU A 62 -8.85 11.89 8.52
CA LEU A 62 -9.83 10.93 8.13
C LEU A 62 -11.27 11.17 8.59
N TRP A 63 -11.42 11.51 9.86
CA TRP A 63 -12.73 11.71 10.45
C TRP A 63 -12.68 12.51 11.74
N ASP A 64 -13.78 13.03 12.22
CA ASP A 64 -13.74 13.71 13.50
C ASP A 64 -14.99 13.36 14.26
N SER A 65 -14.94 13.66 15.54
CA SER A 65 -16.03 13.42 16.45
C SER A 65 -17.34 13.98 15.96
N THR A 66 -17.28 15.15 15.30
CA THR A 66 -18.48 15.82 14.75
C THR A 66 -19.09 15.14 13.54
N GLY A 67 -18.66 13.96 13.11
CA GLY A 67 -19.27 13.36 11.94
C GLY A 67 -18.62 13.70 10.59
N LYS A 68 -17.72 14.69 10.49
CA LYS A 68 -17.06 14.96 9.21
C LYS A 68 -16.19 13.75 8.89
N ALA A 69 -16.22 13.23 7.67
CA ALA A 69 -15.40 12.09 7.33
C ALA A 69 -14.91 12.25 5.91
N ALA A 70 -13.62 12.04 5.66
CA ALA A 70 -13.06 12.18 4.34
C ALA A 70 -13.19 11.00 3.37
N SER A 71 -13.68 11.35 2.18
CA SER A 71 -13.76 10.36 1.11
C SER A 71 -12.44 10.53 0.40
N PHE A 72 -11.84 9.54 -0.24
CA PHE A 72 -10.58 9.80 -0.91
C PHE A 72 -10.36 8.97 -2.13
N TYR A 73 -9.39 9.41 -2.88
CA TYR A 73 -9.01 8.66 -4.02
C TYR A 73 -7.50 8.79 -4.25
N THR A 74 -6.85 7.63 -4.41
CA THR A 74 -5.44 7.64 -4.69
C THR A 74 -5.10 6.86 -5.94
N SER A 75 -4.25 7.36 -6.82
CA SER A 75 -3.88 6.52 -7.96
C SER A 75 -2.35 6.43 -7.98
N PHE A 76 -1.78 5.34 -8.46
CA PHE A 76 -0.35 5.25 -8.51
C PHE A 76 0.06 4.21 -9.51
N THR A 77 1.25 4.41 -10.09
CA THR A 77 1.74 3.43 -11.01
C THR A 77 2.97 2.88 -10.32
N PHE A 78 3.13 1.60 -10.56
CA PHE A 78 4.25 0.92 -9.96
C PHE A 78 4.75 -0.19 -10.84
N LEU A 79 6.01 -0.48 -10.58
CA LEU A 79 6.70 -1.58 -11.23
C LEU A 79 7.25 -2.58 -10.16
N LEU A 80 6.61 -3.74 -10.06
CA LEU A 80 7.10 -4.78 -9.15
C LEU A 80 8.04 -5.60 -10.07
N LYS A 81 9.31 -5.28 -10.08
CA LYS A 81 10.25 -6.00 -10.90
C LYS A 81 10.53 -7.41 -10.37
N ASN A 82 10.36 -8.46 -11.15
CA ASN A 82 10.57 -9.86 -10.76
C ASN A 82 11.81 -10.50 -11.37
N TYR A 83 12.57 -11.31 -10.64
CA TYR A 83 13.77 -11.96 -11.17
C TYR A 83 13.65 -13.46 -11.36
N GLY A 84 12.42 -13.85 -11.65
CA GLY A 84 11.98 -15.22 -11.88
C GLY A 84 10.51 -15.34 -11.47
N ALA A 85 9.91 -16.51 -11.43
CA ALA A 85 8.52 -16.63 -10.98
C ALA A 85 8.53 -17.94 -10.20
N PRO A 86 7.92 -18.05 -9.01
CA PRO A 86 7.34 -16.96 -8.24
C PRO A 86 8.39 -16.15 -7.53
N THR A 87 7.95 -15.10 -6.89
CA THR A 87 8.84 -14.25 -6.13
C THR A 87 8.11 -13.96 -4.82
N ALA A 88 8.71 -13.27 -3.84
CA ALA A 88 7.98 -12.97 -2.60
C ALA A 88 8.46 -11.62 -2.05
N ASP A 89 7.71 -10.76 -1.30
CA ASP A 89 6.32 -10.98 -0.85
C ASP A 89 5.15 -10.11 -1.33
N GLY A 90 5.48 -8.99 -1.95
CA GLY A 90 4.50 -8.07 -2.47
C GLY A 90 4.64 -6.69 -1.90
N LEU A 91 3.58 -5.94 -2.03
CA LEU A 91 3.59 -4.59 -1.57
C LEU A 91 2.20 -4.25 -1.06
N ALA A 92 2.04 -3.06 -0.52
CA ALA A 92 0.75 -2.63 -0.05
C ALA A 92 0.61 -1.12 0.01
N PHE A 93 -0.62 -0.68 -0.25
CA PHE A 93 -0.90 0.72 -0.07
C PHE A 93 -1.50 0.72 1.36
N PHE A 94 -1.19 1.62 2.28
CA PHE A 94 -1.78 1.54 3.62
C PHE A 94 -2.17 2.87 4.24
N LEU A 95 -2.91 2.77 5.32
CA LEU A 95 -3.34 3.90 6.13
C LEU A 95 -3.10 3.36 7.55
N ALA A 96 -2.27 4.06 8.30
CA ALA A 96 -1.95 3.62 9.63
C ALA A 96 -1.88 4.84 10.55
N PRO A 97 -1.80 4.74 11.90
CA PRO A 97 -1.57 5.88 12.78
C PRO A 97 -0.34 6.73 12.43
N VAL A 98 -0.31 8.03 12.69
CA VAL A 98 0.85 8.86 12.34
C VAL A 98 2.21 8.48 12.97
N ASP A 99 2.18 7.97 14.21
CA ASP A 99 3.35 7.53 14.95
C ASP A 99 3.85 6.14 14.55
N SER A 100 3.21 5.36 13.70
CA SER A 100 3.73 4.05 13.39
C SER A 100 4.92 4.04 12.46
N SER A 101 5.46 2.85 12.32
CA SER A 101 6.61 2.66 11.49
C SER A 101 6.58 1.30 10.86
N VAL A 102 7.62 1.08 10.05
CA VAL A 102 7.80 -0.19 9.36
C VAL A 102 8.08 -1.31 10.37
N LYS A 103 7.46 -2.43 10.06
CA LYS A 103 7.53 -3.62 10.88
C LYS A 103 8.24 -4.82 10.25
N ASP A 104 7.72 -6.03 10.34
CA ASP A 104 8.43 -7.15 9.76
C ASP A 104 8.43 -7.33 8.26
N TYR A 105 9.51 -7.97 7.82
CA TYR A 105 9.67 -8.21 6.41
C TYR A 105 8.98 -9.47 5.95
N GLY A 106 9.22 -9.89 4.71
CA GLY A 106 8.58 -11.09 4.21
C GLY A 106 7.05 -10.94 4.10
N GLY A 107 6.29 -12.01 4.30
CA GLY A 107 4.85 -12.01 4.23
C GLY A 107 4.13 -10.98 5.08
N PHE A 108 4.81 -10.27 5.98
CA PHE A 108 4.15 -9.25 6.78
C PHE A 108 4.12 -7.92 6.08
N LEU A 109 4.81 -7.84 4.94
CA LEU A 109 4.82 -6.65 4.10
C LEU A 109 5.25 -5.32 4.74
N GLY A 110 6.08 -5.38 5.80
CA GLY A 110 6.55 -4.21 6.55
C GLY A 110 5.41 -3.68 7.43
N LEU A 111 4.27 -4.33 7.47
CA LEU A 111 3.14 -3.81 8.22
C LEU A 111 2.74 -4.39 9.55
N PHE A 112 3.09 -5.65 9.75
CA PHE A 112 2.73 -6.32 10.98
C PHE A 112 3.97 -6.98 11.57
N ARG A 113 3.96 -7.28 12.86
CA ARG A 113 5.08 -7.94 13.55
C ARG A 113 4.66 -9.42 13.62
N HIS A 114 5.51 -10.44 13.56
CA HIS A 114 5.06 -11.82 13.55
C HIS A 114 4.08 -12.30 14.62
N GLU A 115 4.34 -11.86 15.84
CA GLU A 115 3.50 -12.26 16.97
C GLU A 115 2.11 -11.69 17.09
N THR A 116 1.76 -10.58 16.41
CA THR A 116 0.37 -10.04 16.50
C THR A 116 -0.37 -9.83 15.19
N ALA A 117 0.21 -10.33 14.09
CA ALA A 117 -0.32 -10.22 12.75
C ALA A 117 -1.73 -10.74 12.50
N ALA A 118 -2.10 -11.85 13.16
CA ALA A 118 -3.43 -12.44 13.05
C ALA A 118 -4.40 -12.00 14.14
N ASP A 119 -3.97 -11.02 14.95
CA ASP A 119 -4.77 -10.47 16.03
C ASP A 119 -5.33 -9.07 15.72
N PRO A 120 -6.59 -8.87 15.32
CA PRO A 120 -7.14 -7.55 14.97
C PRO A 120 -7.14 -6.55 16.12
N SER A 121 -7.15 -6.99 17.39
CA SER A 121 -7.13 -6.06 18.54
C SER A 121 -5.78 -5.40 18.79
N LYS A 122 -4.69 -5.93 18.24
CA LYS A 122 -3.33 -5.40 18.44
C LYS A 122 -2.78 -4.55 17.31
N ASN A 123 -3.61 -4.39 16.28
CA ASN A 123 -3.26 -3.62 15.09
C ASN A 123 -4.36 -2.64 14.72
N GLN A 124 -3.91 -1.54 14.12
CA GLN A 124 -4.74 -0.45 13.60
C GLN A 124 -4.13 -0.04 12.26
N VAL A 125 -4.55 -0.72 11.21
CA VAL A 125 -4.06 -0.47 9.87
C VAL A 125 -5.05 -0.99 8.88
N VAL A 126 -5.26 -0.22 7.81
CA VAL A 126 -6.13 -0.66 6.69
C VAL A 126 -5.15 -0.63 5.51
N ALA A 127 -5.09 -1.74 4.80
CA ALA A 127 -4.19 -1.83 3.67
C ALA A 127 -4.76 -2.59 2.50
N VAL A 128 -4.28 -2.18 1.33
CA VAL A 128 -4.67 -2.86 0.12
C VAL A 128 -3.37 -3.55 -0.30
N GLU A 129 -3.36 -4.87 -0.26
CA GLU A 129 -2.17 -5.61 -0.62
C GLU A 129 -2.23 -6.31 -1.98
N PHE A 130 -1.04 -6.35 -2.55
CA PHE A 130 -0.72 -6.98 -3.83
C PHE A 130 0.38 -8.00 -3.37
N ASP A 131 -0.17 -9.13 -2.99
CA ASP A 131 0.55 -10.25 -2.44
C ASP A 131 1.06 -11.27 -3.44
N THR A 132 2.35 -11.40 -3.67
CA THR A 132 2.84 -12.38 -4.63
C THR A 132 3.14 -13.79 -4.11
N TRP A 133 2.99 -14.00 -2.81
CA TRP A 133 3.28 -15.25 -2.13
C TRP A 133 2.21 -15.89 -1.24
N ILE A 134 1.94 -17.16 -1.51
CA ILE A 134 0.94 -17.85 -0.74
C ILE A 134 1.48 -18.31 0.62
N ASN A 135 1.14 -17.60 1.68
CA ASN A 135 1.51 -17.96 3.04
C ASN A 135 0.30 -18.69 3.61
N LYS A 136 0.38 -20.00 3.78
CA LYS A 136 -0.75 -20.77 4.33
C LYS A 136 -1.07 -20.45 5.80
N ASP A 137 -0.08 -19.91 6.46
CA ASP A 137 -0.04 -19.45 7.85
C ASP A 137 -1.10 -18.43 8.29
N TRP A 138 -1.23 -17.51 7.31
CA TRP A 138 -2.12 -16.34 7.31
C TRP A 138 -3.36 -16.50 6.44
N ASN A 139 -3.61 -17.74 6.02
CA ASN A 139 -4.72 -18.15 5.16
C ASN A 139 -4.76 -17.46 3.80
N ASP A 140 -3.61 -17.20 3.17
CA ASP A 140 -3.62 -16.62 1.84
C ASP A 140 -4.33 -17.57 0.89
N PRO A 141 -5.18 -17.10 -0.05
CA PRO A 141 -5.72 -17.95 -1.10
C PRO A 141 -4.57 -18.55 -1.94
N PRO A 142 -4.83 -19.67 -2.64
CA PRO A 142 -3.79 -20.45 -3.31
C PRO A 142 -3.30 -19.85 -4.65
N TYR A 143 -3.12 -18.52 -4.74
CA TYR A 143 -2.63 -17.83 -5.95
C TYR A 143 -2.09 -16.47 -5.53
N PRO A 144 -1.28 -15.73 -6.27
CA PRO A 144 -1.12 -14.28 -6.11
C PRO A 144 -2.50 -13.64 -6.02
N HIS A 145 -2.66 -12.68 -5.14
CA HIS A 145 -3.92 -12.02 -4.94
C HIS A 145 -3.75 -10.58 -4.54
N ILE A 146 -4.86 -9.91 -4.62
CA ILE A 146 -4.93 -8.53 -4.22
C ILE A 146 -5.77 -8.67 -2.96
N GLY A 147 -5.54 -8.00 -1.86
CA GLY A 147 -6.41 -8.21 -0.71
C GLY A 147 -6.68 -6.99 0.09
N ILE A 148 -7.73 -6.98 0.88
CA ILE A 148 -8.03 -5.82 1.72
C ILE A 148 -7.88 -6.38 3.12
N ASP A 149 -6.95 -5.73 3.77
CA ASP A 149 -6.56 -6.06 5.12
C ASP A 149 -7.07 -5.09 6.15
N VAL A 150 -7.82 -5.52 7.12
CA VAL A 150 -8.26 -4.60 8.14
C VAL A 150 -7.70 -5.09 9.50
N ASN A 151 -6.69 -4.43 10.06
CA ASN A 151 -6.08 -4.78 11.37
C ASN A 151 -5.49 -6.17 11.48
N SER A 152 -5.27 -6.78 10.34
CA SER A 152 -4.74 -8.11 10.32
C SER A 152 -4.22 -8.44 8.92
N ILE A 153 -3.22 -9.34 8.83
CA ILE A 153 -2.63 -9.79 7.56
C ILE A 153 -3.54 -10.85 6.91
N VAL A 154 -4.60 -11.32 7.59
CA VAL A 154 -5.54 -12.31 7.08
C VAL A 154 -6.54 -11.37 6.42
N SER A 155 -6.61 -11.27 5.10
CA SER A 155 -7.50 -10.34 4.40
C SER A 155 -8.99 -10.52 4.59
N VAL A 156 -9.74 -9.45 4.77
CA VAL A 156 -11.19 -9.63 4.92
C VAL A 156 -11.75 -9.99 3.55
N ALA A 157 -11.04 -9.78 2.46
CA ALA A 157 -11.50 -10.07 1.10
C ALA A 157 -10.32 -10.09 0.12
N THR A 158 -10.31 -10.96 -0.86
CA THR A 158 -9.24 -11.01 -1.85
C THR A 158 -9.83 -11.29 -3.22
N THR A 159 -9.08 -11.13 -4.29
CA THR A 159 -9.55 -11.48 -5.64
C THR A 159 -8.33 -12.06 -6.33
N ARG A 160 -8.42 -12.94 -7.31
CA ARG A 160 -7.24 -13.50 -7.97
C ARG A 160 -6.39 -12.52 -8.81
N TRP A 161 -5.06 -12.60 -8.67
CA TRP A 161 -4.13 -11.76 -9.44
C TRP A 161 -3.42 -12.78 -10.30
N GLU A 162 -3.60 -12.73 -11.60
CA GLU A 162 -2.93 -13.71 -12.44
C GLU A 162 -1.40 -13.74 -12.42
N ASN A 163 -0.84 -14.94 -12.40
CA ASN A 163 0.59 -15.16 -12.37
C ASN A 163 1.37 -14.34 -13.34
N ASP A 164 0.86 -14.23 -14.53
CA ASP A 164 1.58 -13.44 -15.50
C ASP A 164 1.58 -11.95 -15.30
N ASP A 165 0.65 -11.49 -14.47
CA ASP A 165 0.61 -10.07 -14.16
C ASP A 165 1.45 -9.88 -12.91
N ALA A 166 1.21 -10.76 -11.95
CA ALA A 166 1.91 -10.73 -10.70
C ALA A 166 3.42 -10.84 -10.83
N TYR A 167 3.87 -11.76 -11.68
CA TYR A 167 5.31 -11.93 -11.92
C TYR A 167 5.73 -11.49 -13.33
N GLY A 168 4.92 -10.70 -14.07
CA GLY A 168 5.26 -10.27 -15.42
C GLY A 168 6.13 -9.04 -15.54
N SER A 169 6.41 -8.34 -14.43
CA SER A 169 7.22 -7.12 -14.42
C SER A 169 6.81 -5.98 -15.38
N SER A 170 5.51 -5.77 -15.53
CA SER A 170 5.06 -4.66 -16.33
C SER A 170 4.57 -3.55 -15.42
N ILE A 171 4.53 -2.30 -15.88
CA ILE A 171 4.00 -1.21 -15.09
C ILE A 171 2.48 -1.38 -15.00
N ALA A 172 2.02 -1.19 -13.78
CA ALA A 172 0.62 -1.34 -13.49
C ALA A 172 0.07 -0.06 -12.89
N THR A 173 -1.21 0.24 -13.13
CA THR A 173 -1.84 1.41 -12.56
C THR A 173 -2.93 1.01 -11.61
N ALA A 174 -2.88 1.55 -10.42
CA ALA A 174 -3.89 1.28 -9.42
C ALA A 174 -4.69 2.49 -9.01
N HIS A 175 -5.98 2.29 -8.79
CA HIS A 175 -6.86 3.33 -8.33
C HIS A 175 -7.54 2.73 -7.12
N ILE A 176 -7.42 3.43 -6.01
CA ILE A 176 -8.06 3.02 -4.77
C ILE A 176 -8.97 4.18 -4.31
N THR A 177 -10.23 3.87 -4.09
CA THR A 177 -11.20 4.88 -3.66
C THR A 177 -11.92 4.48 -2.39
N TYR A 178 -12.21 5.46 -1.57
CA TYR A 178 -12.97 5.22 -0.37
C TYR A 178 -14.11 6.23 -0.34
N ASP A 179 -15.35 5.75 -0.24
CA ASP A 179 -16.52 6.59 -0.16
C ASP A 179 -16.86 6.59 1.34
N ALA A 180 -16.72 7.73 2.04
CA ALA A 180 -17.01 7.81 3.46
C ALA A 180 -18.45 7.82 3.89
N ARG A 181 -19.38 8.01 2.95
CA ARG A 181 -20.79 7.98 3.29
C ARG A 181 -21.24 6.53 3.27
N SER A 182 -20.87 5.73 2.27
CA SER A 182 -21.31 4.36 2.27
C SER A 182 -20.36 3.36 2.88
N LYS A 183 -19.17 3.83 3.28
CA LYS A 183 -18.07 3.05 3.90
C LYS A 183 -17.54 1.92 3.02
N ILE A 184 -17.31 2.29 1.77
CA ILE A 184 -16.85 1.35 0.77
C ILE A 184 -15.45 1.67 0.24
N LEU A 185 -14.61 0.64 0.21
CA LEU A 185 -13.26 0.71 -0.29
C LEU A 185 -13.22 -0.14 -1.57
N THR A 186 -12.77 0.51 -2.64
CA THR A 186 -12.68 -0.15 -3.94
C THR A 186 -11.27 -0.07 -4.47
N VAL A 187 -10.78 -1.18 -5.02
CA VAL A 187 -9.46 -1.25 -5.63
C VAL A 187 -9.63 -1.63 -7.11
N LEU A 188 -8.94 -0.87 -7.93
CA LEU A 188 -8.89 -1.12 -9.37
C LEU A 188 -7.42 -1.17 -9.77
N LEU A 189 -7.05 -2.25 -10.39
CA LEU A 189 -5.72 -2.47 -10.90
C LEU A 189 -5.80 -2.74 -12.40
N SER A 190 -5.11 -1.96 -13.19
CA SER A 190 -5.04 -2.08 -14.65
C SER A 190 -3.64 -2.20 -15.26
N TYR A 191 -3.52 -3.04 -16.27
CA TYR A 191 -2.29 -3.25 -17.03
C TYR A 191 -2.64 -2.76 -18.42
N GLU A 192 -1.76 -1.97 -19.03
CA GLU A 192 -2.03 -1.37 -20.33
C GLU A 192 -2.72 -2.12 -21.47
N HIS A 193 -2.18 -3.24 -21.87
CA HIS A 193 -2.95 -3.92 -22.92
C HIS A 193 -3.36 -5.24 -22.31
N GLY A 194 -3.79 -5.14 -21.06
CA GLY A 194 -4.20 -6.32 -20.38
C GLY A 194 -5.58 -6.17 -19.77
N ARG A 195 -5.73 -7.01 -18.78
CA ARG A 195 -6.94 -7.10 -17.98
C ARG A 195 -6.93 -6.16 -16.78
N ASP A 196 -8.12 -6.00 -16.23
CA ASP A 196 -8.27 -5.19 -15.05
C ASP A 196 -8.68 -6.12 -13.92
N TYR A 197 -8.48 -5.66 -12.69
CA TYR A 197 -8.80 -6.37 -11.45
C TYR A 197 -9.60 -5.39 -10.62
N ILE A 198 -10.68 -5.92 -10.10
CA ILE A 198 -11.67 -5.16 -9.32
C ILE A 198 -11.88 -5.78 -7.92
N LEU A 199 -11.68 -5.08 -6.80
CA LEU A 199 -11.99 -5.68 -5.53
C LEU A 199 -12.60 -4.59 -4.67
N SER A 200 -13.81 -4.75 -4.16
CA SER A 200 -14.46 -3.73 -3.36
C SER A 200 -14.98 -4.36 -2.08
N HIS A 201 -14.95 -3.63 -0.99
CA HIS A 201 -15.45 -4.17 0.26
C HIS A 201 -15.91 -3.07 1.20
N VAL A 202 -16.92 -3.40 1.99
CA VAL A 202 -17.44 -2.45 2.93
C VAL A 202 -16.53 -2.39 4.13
N VAL A 203 -15.98 -1.24 4.43
CA VAL A 203 -15.11 -1.05 5.59
C VAL A 203 -15.23 0.39 6.10
N ASP A 204 -15.69 0.53 7.33
CA ASP A 204 -15.84 1.83 7.98
C ASP A 204 -14.54 2.22 8.68
N LEU A 205 -13.81 3.12 8.04
CA LEU A 205 -12.52 3.60 8.51
C LEU A 205 -12.50 4.33 9.84
N ALA A 206 -13.58 5.03 10.13
CA ALA A 206 -13.81 5.74 11.37
C ALA A 206 -13.86 4.79 12.56
N LYS A 207 -14.28 3.56 12.33
CA LYS A 207 -14.33 2.56 13.37
C LYS A 207 -13.04 1.80 13.48
N VAL A 208 -12.13 1.83 12.51
CA VAL A 208 -10.91 1.08 12.69
C VAL A 208 -9.62 1.91 12.79
N LEU A 209 -9.68 3.16 12.33
CA LEU A 209 -8.51 4.01 12.34
C LEU A 209 -8.67 5.26 13.17
N PRO A 210 -7.61 5.88 13.69
CA PRO A 210 -7.71 7.18 14.32
C PRO A 210 -8.14 8.29 13.37
N GLN A 211 -8.55 9.42 13.93
CA GLN A 211 -8.99 10.57 13.16
C GLN A 211 -8.01 11.11 12.14
N LYS A 212 -6.72 10.95 12.36
CA LYS A 212 -5.69 11.39 11.41
C LYS A 212 -4.68 10.25 11.24
N VAL A 213 -4.35 9.96 9.98
CA VAL A 213 -3.44 8.87 9.63
C VAL A 213 -2.22 9.19 8.79
N ARG A 214 -1.29 8.26 8.66
CA ARG A 214 -0.22 8.51 7.71
C ARG A 214 -0.57 7.57 6.53
N ILE A 215 -0.32 7.97 5.28
CA ILE A 215 -0.63 7.12 4.13
C ILE A 215 0.64 6.75 3.38
N GLY A 216 0.76 5.59 2.77
CA GLY A 216 2.00 5.29 2.09
C GLY A 216 2.03 3.94 1.51
N PHE A 217 3.20 3.59 1.09
CA PHE A 217 3.43 2.31 0.46
C PHE A 217 4.30 1.45 1.33
N SER A 218 4.03 0.17 1.51
CA SER A 218 4.89 -0.65 2.34
C SER A 218 5.23 -1.92 1.60
N ALA A 219 6.44 -2.40 1.74
CA ALA A 219 6.79 -3.65 1.08
C ALA A 219 7.64 -4.55 1.99
N GLY A 220 7.55 -5.83 1.73
CA GLY A 220 8.30 -6.80 2.46
C GLY A 220 8.75 -7.90 1.52
N VAL A 221 10.04 -8.23 1.56
CA VAL A 221 10.55 -9.35 0.78
C VAL A 221 11.19 -10.26 1.85
N GLY A 222 11.40 -11.54 1.67
CA GLY A 222 11.08 -12.29 0.46
C GLY A 222 12.31 -12.46 -0.45
N TYR A 223 12.08 -12.68 -1.72
CA TYR A 223 13.14 -12.88 -2.68
C TYR A 223 12.77 -12.53 -4.10
N ASP A 224 13.84 -12.30 -4.84
CA ASP A 224 13.76 -12.01 -6.23
C ASP A 224 12.80 -10.95 -6.74
N GLU A 225 12.58 -9.97 -5.92
CA GLU A 225 11.72 -8.88 -6.30
C GLU A 225 11.98 -7.59 -5.55
N VAL A 226 11.62 -6.54 -6.28
CA VAL A 226 11.69 -5.20 -5.75
C VAL A 226 10.58 -4.33 -6.42
N THR A 227 9.91 -3.54 -5.58
CA THR A 227 8.85 -2.67 -6.08
C THR A 227 9.30 -1.22 -6.20
N TYR A 228 9.03 -0.62 -7.36
CA TYR A 228 9.37 0.78 -7.59
C TYR A 228 8.07 1.59 -7.68
N ILE A 229 7.82 2.71 -7.04
CA ILE A 229 6.56 3.45 -7.23
C ILE A 229 6.95 4.56 -8.22
N LEU A 230 6.24 4.64 -9.35
CA LEU A 230 6.59 5.59 -10.38
C LEU A 230 5.91 6.94 -10.43
N SER A 231 4.75 6.95 -9.81
CA SER A 231 3.93 8.15 -9.72
C SER A 231 2.94 8.03 -8.58
N TRP A 232 2.42 9.14 -8.07
CA TRP A 232 1.46 9.07 -6.98
C TRP A 232 0.50 10.27 -6.91
N HIS A 233 -0.80 10.02 -6.88
CA HIS A 233 -1.77 11.07 -6.74
C HIS A 233 -2.72 10.73 -5.60
N PHE A 234 -3.04 11.72 -4.78
CA PHE A 234 -4.00 11.52 -3.70
C PHE A 234 -4.93 12.73 -3.62
N PHE A 235 -6.22 12.48 -3.44
CA PHE A 235 -7.19 13.58 -3.28
C PHE A 235 -8.19 13.18 -2.17
N SER A 236 -8.51 13.98 -1.17
CA SER A 236 -9.53 13.59 -0.19
C SER A 236 -10.52 14.74 -0.18
N THR A 237 -11.79 14.43 0.07
CA THR A 237 -12.90 15.39 0.05
C THR A 237 -13.88 15.17 1.19
N LEU A 238 -14.41 16.20 1.86
CA LEU A 238 -15.37 15.98 2.95
C LEU A 238 -16.82 15.92 2.50
N ASP A 239 -17.02 16.09 1.20
CA ASP A 239 -18.31 16.04 0.52
C ASP A 239 -19.36 15.08 1.02
N GLY A 240 -20.57 15.60 1.23
CA GLY A 240 -21.64 14.76 1.71
C GLY A 240 -21.56 14.48 3.22
N THR A 241 -20.52 14.78 4.06
CA THR A 241 -20.51 14.49 5.52
C THR A 241 -20.63 15.75 6.41
N ASN A 242 -21.66 16.45 5.93
CA ASN A 242 -22.21 17.75 6.38
C ASN A 242 -21.33 18.99 6.21
N LYS A 243 -20.07 18.71 5.83
CA LYS A 243 -19.05 19.69 5.48
C LYS A 243 -18.67 19.11 4.11
C1 NAG B . 13.72 9.53 7.08
C2 NAG B . 14.81 8.60 7.47
C3 NAG B . 14.23 7.58 8.49
C4 NAG B . 13.77 8.34 9.65
C5 NAG B . 12.73 9.37 9.28
C6 NAG B . 12.29 10.26 10.46
C7 NAG B . 16.57 7.83 5.97
C8 NAG B . 17.75 8.30 6.83
N2 NAG B . 15.29 7.97 6.27
O3 NAG B . 15.15 6.57 8.89
O4 NAG B . 13.18 7.41 10.54
O5 NAG B . 13.24 10.21 8.23
O6 NAG B . 11.04 10.88 10.15
O7 NAG B . 16.77 7.30 4.90
C1 FUC B . 14.93 5.29 8.24
C2 FUC B . 16.22 4.54 8.12
C3 FUC B . 16.58 3.90 9.42
C4 FUC B . 15.41 3.13 10.11
C5 FUC B . 14.20 4.06 10.18
C6 FUC B . 12.94 3.39 10.72
O2 FUC B . 17.29 5.39 7.73
O3 FUC B . 17.59 2.95 9.10
O4 FUC B . 15.08 1.90 9.44
O5 FUC B . 13.88 4.57 8.90
C1 NAG B . 13.67 7.42 11.83
C2 NAG B . 12.78 6.53 12.62
C3 NAG B . 13.26 6.59 14.03
C4 NAG B . 14.71 6.05 14.00
C5 NAG B . 15.61 6.91 13.07
C6 NAG B . 17.04 6.37 12.86
C7 NAG B . 10.37 6.07 12.35
C8 NAG B . 8.96 6.60 12.23
N2 NAG B . 11.37 6.94 12.50
O3 NAG B . 12.37 5.81 14.80
O4 NAG B . 15.24 6.09 15.32
O5 NAG B . 14.99 6.97 11.80
O6 NAG B . 17.78 7.24 11.98
O7 NAG B . 10.60 4.87 12.40
MN MN C . -2.42 -12.23 1.35
CA CA D . 1.50 -13.69 1.33
S SO4 E . 9.42 14.87 -4.90
O1 SO4 E . 8.70 16.09 -5.17
O2 SO4 E . 9.77 14.22 -6.14
O3 SO4 E . 10.61 15.25 -4.20
O4 SO4 E . 8.60 14.02 -4.09
#